data_2WP2
#
_entry.id   2WP2
#
_cell.length_a   49.293
_cell.length_b   61.224
_cell.length_c   97.910
_cell.angle_alpha   90.00
_cell.angle_beta   90.00
_cell.angle_gamma   90.00
#
_symmetry.space_group_name_H-M   'P 21 21 21'
#
loop_
_entity.id
_entity.type
_entity.pdbx_description
1 polymer 'BROMODOMAIN TESTIS-SPECIFIC PROTEIN'
2 polymer 'HISTONE H4'
3 water water
#
loop_
_entity_poly.entity_id
_entity_poly.type
_entity_poly.pdbx_seq_one_letter_code
_entity_poly.pdbx_strand_id
1 'polypeptide(L)'
;EYINTKKSGRLTNQLQFLQRVVLKALWKHGFSWPFQQPVDAVKLKLPDYYTIIKTPMDLNTIKKRLENKYYEKASECIED
FNTMFSNCYLYNKTGDDIVVMAQALEKLFMQKLSQMPQEE
;
A,B
2 'polypeptide(L)' SGRG(ALY)GG(ALY)GLGKGGAKRHRK P,Q
#
# COMPACT_ATOMS: atom_id res chain seq x y z
N TYR A 2 3.89 -8.82 13.89
CA TYR A 2 5.17 -8.17 14.31
C TYR A 2 6.20 -9.18 14.85
N ILE A 3 6.60 -10.13 14.00
CA ILE A 3 7.59 -11.15 14.36
C ILE A 3 8.75 -11.21 13.34
N ASN A 4 9.98 -11.35 13.84
CA ASN A 4 11.17 -11.45 13.00
C ASN A 4 11.75 -12.86 13.18
N THR A 5 11.83 -13.62 12.08
CA THR A 5 12.35 -14.98 12.14
C THR A 5 11.83 -15.84 11.02
N LEU A 11 20.18 -12.24 1.28
CA LEU A 11 20.18 -10.77 1.29
C LEU A 11 20.58 -10.22 -0.08
N THR A 12 19.59 -10.02 -0.94
CA THR A 12 19.80 -9.51 -2.30
C THR A 12 20.27 -8.05 -2.37
N ASN A 13 20.61 -7.60 -3.57
CA ASN A 13 21.05 -6.23 -3.76
C ASN A 13 19.89 -5.29 -3.45
N GLN A 14 18.68 -5.67 -3.87
CA GLN A 14 17.50 -4.84 -3.61
C GLN A 14 17.20 -4.75 -2.11
N LEU A 15 17.27 -5.88 -1.41
CA LEU A 15 17.01 -5.87 0.02
C LEU A 15 18.04 -5.02 0.78
N GLN A 16 19.29 -5.04 0.33
CA GLN A 16 20.34 -4.25 0.97
C GLN A 16 20.03 -2.77 0.79
N PHE A 17 19.58 -2.42 -0.40
CA PHE A 17 19.20 -1.05 -0.71
C PHE A 17 18.03 -0.63 0.18
N LEU A 18 17.04 -1.49 0.32
CA LEU A 18 15.88 -1.18 1.16
C LEU A 18 16.30 -0.88 2.60
N GLN A 19 17.28 -1.63 3.10
CA GLN A 19 17.76 -1.43 4.46
C GLN A 19 18.70 -0.23 4.61
N ARG A 20 19.71 -0.15 3.76
CA ARG A 20 20.68 0.94 3.85
C ARG A 20 20.17 2.31 3.40
N VAL A 21 19.33 2.33 2.38
CA VAL A 21 18.81 3.60 1.87
C VAL A 21 17.36 3.95 2.25
N VAL A 22 16.41 3.13 1.81
CA VAL A 22 15.01 3.41 2.09
C VAL A 22 14.64 3.48 3.58
N LEU A 23 14.86 2.40 4.32
CA LEU A 23 14.54 2.39 5.75
C LEU A 23 15.22 3.54 6.48
N LYS A 24 16.52 3.70 6.25
CA LYS A 24 17.29 4.76 6.88
C LYS A 24 16.66 6.12 6.64
N ALA A 25 16.29 6.39 5.39
CA ALA A 25 15.68 7.66 5.02
C ALA A 25 14.35 7.94 5.75
N LEU A 26 13.51 6.92 5.93
CA LEU A 26 12.24 7.16 6.61
C LEU A 26 12.44 7.30 8.12
N TRP A 27 13.33 6.48 8.67
CA TRP A 27 13.58 6.52 10.12
C TRP A 27 14.08 7.87 10.61
N LYS A 28 15.03 8.45 9.89
CA LYS A 28 15.59 9.73 10.27
C LYS A 28 14.64 10.90 10.03
N HIS A 29 13.55 10.66 9.32
CA HIS A 29 12.60 11.73 9.06
C HIS A 29 11.83 12.09 10.32
N GLY A 30 11.59 13.38 10.51
CA GLY A 30 10.88 13.84 11.70
C GLY A 30 9.45 13.34 11.89
N PHE A 31 8.77 12.95 10.81
CA PHE A 31 7.39 12.47 10.93
C PHE A 31 7.32 10.96 11.16
N SER A 32 8.45 10.33 11.48
CA SER A 32 8.44 8.89 11.65
C SER A 32 8.19 8.34 13.05
N TRP A 33 8.30 9.17 14.08
CA TRP A 33 8.12 8.68 15.45
C TRP A 33 6.85 7.88 15.74
N PRO A 34 5.71 8.25 15.11
CA PRO A 34 4.47 7.51 15.35
C PRO A 34 4.48 6.10 14.75
N PHE A 35 5.43 5.87 13.84
CA PHE A 35 5.53 4.58 13.16
C PHE A 35 6.72 3.75 13.58
N GLN A 36 7.52 4.26 14.51
CA GLN A 36 8.70 3.54 14.94
C GLN A 36 8.43 2.37 15.87
N GLN A 37 7.19 2.27 16.35
CA GLN A 37 6.82 1.19 17.25
C GLN A 37 5.41 0.71 16.95
N PRO A 38 5.09 -0.52 17.36
CA PRO A 38 3.75 -1.09 17.13
C PRO A 38 2.71 -0.25 17.90
N VAL A 39 1.54 -0.05 17.31
CA VAL A 39 0.51 0.73 17.97
C VAL A 39 0.00 0.07 19.26
N ASP A 40 -0.10 0.85 20.32
CA ASP A 40 -0.59 0.34 21.59
C ASP A 40 -1.99 0.91 21.79
N ALA A 41 -3.02 0.14 21.42
CA ALA A 41 -4.39 0.60 21.51
C ALA A 41 -4.89 1.02 22.89
N VAL A 42 -4.23 0.56 23.95
CA VAL A 42 -4.65 0.93 25.29
C VAL A 42 -4.08 2.28 25.69
N LYS A 43 -2.77 2.46 25.59
CA LYS A 43 -2.19 3.74 25.97
C LYS A 43 -2.66 4.87 25.06
N LEU A 44 -3.01 4.54 23.82
CA LEU A 44 -3.48 5.55 22.89
C LEU A 44 -5.02 5.61 22.88
N LYS A 45 -5.64 4.80 23.74
CA LYS A 45 -7.09 4.74 23.82
C LYS A 45 -7.77 4.60 22.46
N LEU A 46 -7.48 3.50 21.77
CA LEU A 46 -8.05 3.21 20.47
C LEU A 46 -8.63 1.80 20.57
N PRO A 47 -9.83 1.67 21.16
CA PRO A 47 -10.55 0.40 21.36
C PRO A 47 -10.77 -0.45 20.12
N ASP A 48 -11.04 0.24 19.01
CA ASP A 48 -11.33 -0.43 17.75
C ASP A 48 -10.14 -0.75 16.84
N TYR A 49 -8.97 -0.21 17.16
CA TYR A 49 -7.78 -0.43 16.33
C TYR A 49 -7.56 -1.85 15.84
N TYR A 50 -7.41 -2.81 16.75
CA TYR A 50 -7.17 -4.18 16.32
C TYR A 50 -8.39 -4.92 15.76
N THR A 51 -9.52 -4.26 15.76
CA THR A 51 -10.73 -4.85 15.20
C THR A 51 -10.67 -4.53 13.72
N ILE A 52 -10.16 -3.33 13.43
CA ILE A 52 -10.03 -2.83 12.07
C ILE A 52 -8.75 -3.30 11.40
N ILE A 53 -7.66 -3.28 12.15
CA ILE A 53 -6.37 -3.69 11.60
C ILE A 53 -6.02 -5.13 11.99
N LYS A 54 -5.98 -6.01 10.99
CA LYS A 54 -5.67 -7.42 11.22
C LYS A 54 -4.18 -7.72 11.11
N THR A 55 -3.46 -6.92 10.32
CA THR A 55 -2.02 -7.10 10.13
C THR A 55 -1.26 -5.82 10.46
N PRO A 56 -0.98 -5.57 11.75
CA PRO A 56 -0.25 -4.36 12.10
C PRO A 56 1.19 -4.42 11.58
N MET A 57 1.80 -3.25 11.43
CA MET A 57 3.17 -3.17 10.94
C MET A 57 3.79 -1.82 11.33
N ASP A 58 5.10 -1.82 11.52
CA ASP A 58 5.83 -0.61 11.88
C ASP A 58 7.28 -0.72 11.42
N LEU A 59 7.97 0.42 11.42
CA LEU A 59 9.37 0.48 10.98
C LEU A 59 10.35 -0.36 11.79
N ASN A 60 10.08 -0.57 13.08
CA ASN A 60 11.00 -1.35 13.87
C ASN A 60 10.92 -2.84 13.52
N THR A 61 9.71 -3.32 13.24
CA THR A 61 9.52 -4.71 12.84
C THR A 61 10.25 -4.90 11.52
N ILE A 62 10.04 -3.97 10.59
CA ILE A 62 10.69 -4.03 9.29
C ILE A 62 12.20 -3.98 9.49
N LYS A 63 12.63 -3.07 10.35
CA LYS A 63 14.05 -2.93 10.65
C LYS A 63 14.59 -4.29 11.10
N LYS A 64 13.97 -4.86 12.12
CA LYS A 64 14.41 -6.15 12.64
C LYS A 64 14.35 -7.27 11.61
N ARG A 65 13.33 -7.27 10.75
CA ARG A 65 13.23 -8.32 9.74
C ARG A 65 14.40 -8.23 8.77
N LEU A 66 14.82 -7.02 8.45
CA LEU A 66 15.94 -6.84 7.53
C LEU A 66 17.25 -7.30 8.18
N GLU A 67 17.45 -7.00 9.46
CA GLU A 67 18.65 -7.38 10.16
C GLU A 67 18.77 -8.90 10.34
N ASN A 68 17.65 -9.55 10.62
CA ASN A 68 17.67 -11.00 10.82
C ASN A 68 17.41 -11.82 9.55
N LYS A 69 17.59 -11.18 8.39
CA LYS A 69 17.38 -11.85 7.11
C LYS A 69 16.06 -12.59 7.06
N TYR A 70 14.98 -11.90 7.43
CA TYR A 70 13.64 -12.48 7.43
C TYR A 70 13.06 -12.61 6.03
N TYR A 71 13.33 -11.62 5.20
CA TYR A 71 12.82 -11.58 3.83
C TYR A 71 13.60 -12.45 2.83
N GLU A 72 12.87 -13.03 1.89
CA GLU A 72 13.47 -13.84 0.85
C GLU A 72 13.66 -12.99 -0.41
N LYS A 73 12.78 -12.01 -0.58
CA LYS A 73 12.87 -11.10 -1.72
C LYS A 73 12.34 -9.71 -1.38
N ALA A 74 12.85 -8.70 -2.09
CA ALA A 74 12.48 -7.30 -1.87
C ALA A 74 10.99 -7.01 -1.83
N SER A 75 10.22 -7.69 -2.68
CA SER A 75 8.77 -7.50 -2.73
C SER A 75 8.09 -7.70 -1.37
N GLU A 76 8.59 -8.65 -0.59
CA GLU A 76 8.03 -8.90 0.74
C GLU A 76 8.23 -7.68 1.64
N CYS A 77 9.44 -7.15 1.63
CA CYS A 77 9.76 -5.98 2.44
C CYS A 77 8.92 -4.77 2.00
N ILE A 78 8.81 -4.55 0.69
CA ILE A 78 8.03 -3.45 0.15
C ILE A 78 6.57 -3.55 0.55
N GLU A 79 6.07 -4.79 0.65
CA GLU A 79 4.69 -5.00 1.05
C GLU A 79 4.50 -4.59 2.51
N ASP A 80 5.48 -4.85 3.36
CA ASP A 80 5.37 -4.45 4.75
C ASP A 80 5.31 -2.92 4.86
N PHE A 81 6.13 -2.22 4.10
CA PHE A 81 6.11 -0.75 4.14
C PHE A 81 4.71 -0.25 3.75
N ASN A 82 4.12 -0.90 2.74
CA ASN A 82 2.80 -0.55 2.24
C ASN A 82 1.67 -0.90 3.20
N THR A 83 1.86 -1.96 3.99
CA THR A 83 0.86 -2.38 4.95
C THR A 83 0.84 -1.32 6.05
N MET A 84 2.03 -0.81 6.39
CA MET A 84 2.13 0.22 7.40
C MET A 84 1.31 1.45 6.98
N PHE A 85 1.51 1.91 5.74
CA PHE A 85 0.78 3.07 5.24
C PHE A 85 -0.71 2.79 5.13
N SER A 86 -1.05 1.64 4.54
CA SER A 86 -2.44 1.25 4.37
C SER A 86 -3.20 1.18 5.68
N ASN A 87 -2.59 0.60 6.71
CA ASN A 87 -3.26 0.52 8.00
C ASN A 87 -3.59 1.92 8.50
N CYS A 88 -2.62 2.83 8.36
CA CYS A 88 -2.81 4.20 8.80
C CYS A 88 -4.00 4.85 8.07
N TYR A 89 -4.01 4.76 6.75
CA TYR A 89 -5.09 5.37 5.97
C TYR A 89 -6.46 4.73 6.29
N LEU A 90 -6.49 3.41 6.47
CA LEU A 90 -7.72 2.72 6.77
C LEU A 90 -8.30 3.06 8.13
N TYR A 91 -7.47 3.05 9.16
CA TYR A 91 -7.91 3.35 10.51
C TYR A 91 -8.27 4.81 10.80
N ASN A 92 -7.41 5.73 10.39
CA ASN A 92 -7.61 7.14 10.64
C ASN A 92 -8.42 7.88 9.57
N LYS A 93 -8.80 9.12 9.89
CA LYS A 93 -9.60 9.93 8.97
C LYS A 93 -8.70 10.83 8.14
N THR A 94 -9.16 11.20 6.95
CA THR A 94 -8.37 12.08 6.09
C THR A 94 -8.28 13.41 6.82
N GLY A 95 -7.20 14.15 6.60
CA GLY A 95 -7.08 15.42 7.27
C GLY A 95 -6.38 15.29 8.61
N ASP A 96 -6.43 14.10 9.21
CA ASP A 96 -5.77 13.89 10.48
C ASP A 96 -4.25 14.10 10.30
N ASP A 97 -3.61 14.57 11.35
CA ASP A 97 -2.18 14.82 11.34
C ASP A 97 -1.38 13.59 10.95
N ILE A 98 -1.70 12.44 11.55
CA ILE A 98 -0.94 11.24 11.25
C ILE A 98 -1.05 10.82 9.78
N VAL A 99 -2.20 11.05 9.15
CA VAL A 99 -2.35 10.69 7.76
C VAL A 99 -1.40 11.55 6.92
N VAL A 100 -1.38 12.86 7.19
CA VAL A 100 -0.49 13.76 6.47
C VAL A 100 0.94 13.28 6.65
N MET A 101 1.26 12.81 7.85
CA MET A 101 2.61 12.35 8.13
C MET A 101 2.94 11.08 7.35
N ALA A 102 1.95 10.21 7.22
CA ALA A 102 2.15 8.96 6.48
C ALA A 102 2.30 9.22 5.00
N GLN A 103 1.56 10.19 4.48
CA GLN A 103 1.65 10.50 3.06
C GLN A 103 3.01 11.10 2.76
N ALA A 104 3.56 11.85 3.71
CA ALA A 104 4.87 12.46 3.52
C ALA A 104 5.92 11.34 3.48
N LEU A 105 5.83 10.42 4.43
CA LEU A 105 6.77 9.31 4.51
C LEU A 105 6.66 8.39 3.28
N GLU A 106 5.44 8.21 2.78
CA GLU A 106 5.24 7.35 1.62
C GLU A 106 5.81 7.99 0.35
N LYS A 107 5.71 9.31 0.25
CA LYS A 107 6.23 10.02 -0.91
C LYS A 107 7.76 9.82 -0.93
N LEU A 108 8.40 10.01 0.22
CA LEU A 108 9.84 9.83 0.34
C LEU A 108 10.21 8.36 0.03
N PHE A 109 9.33 7.44 0.40
CA PHE A 109 9.53 6.02 0.16
C PHE A 109 9.52 5.74 -1.35
N MET A 110 8.49 6.22 -2.04
CA MET A 110 8.38 6.01 -3.47
C MET A 110 9.56 6.63 -4.20
N GLN A 111 10.00 7.78 -3.70
CA GLN A 111 11.11 8.51 -4.25
C GLN A 111 12.40 7.67 -4.16
N LYS A 112 12.71 7.18 -2.97
CA LYS A 112 13.89 6.37 -2.80
C LYS A 112 13.80 5.05 -3.55
N LEU A 113 12.59 4.49 -3.58
CA LEU A 113 12.39 3.21 -4.24
C LEU A 113 12.71 3.29 -5.73
N SER A 114 12.47 4.45 -6.32
CA SER A 114 12.72 4.62 -7.74
C SER A 114 14.19 4.49 -8.10
N GLN A 115 15.07 4.66 -7.12
CA GLN A 115 16.49 4.57 -7.40
C GLN A 115 17.07 3.23 -6.98
N MET A 116 16.19 2.28 -6.68
CA MET A 116 16.63 0.94 -6.29
C MET A 116 17.08 0.19 -7.54
N PRO A 117 18.19 -0.56 -7.47
CA PRO A 117 18.67 -1.32 -8.63
C PRO A 117 17.63 -2.31 -9.16
N GLN A 118 17.50 -2.33 -10.48
CA GLN A 118 16.55 -3.18 -11.20
C GLN A 118 16.83 -4.69 -11.11
N GLU A 119 15.75 -5.47 -11.09
CA GLU A 119 15.81 -6.93 -10.99
C GLU A 119 16.63 -7.55 -12.10
N GLU A 120 17.16 -8.74 -11.82
CA GLU A 120 17.96 -9.50 -12.78
C GLU A 120 18.92 -8.62 -13.59
N LEU B 11 11.36 -5.90 -20.77
CA LEU B 11 10.48 -6.11 -19.56
C LEU B 11 10.95 -7.31 -18.76
N THR B 12 11.48 -7.06 -17.56
CA THR B 12 12.01 -8.08 -16.65
C THR B 12 11.11 -9.29 -16.38
N ASN B 13 11.73 -10.36 -15.87
CA ASN B 13 10.99 -11.57 -15.55
C ASN B 13 9.92 -11.25 -14.54
N GLN B 14 10.28 -10.42 -13.56
CA GLN B 14 9.34 -10.03 -12.53
C GLN B 14 8.16 -9.27 -13.12
N LEU B 15 8.44 -8.31 -13.98
CA LEU B 15 7.39 -7.54 -14.60
C LEU B 15 6.45 -8.40 -15.43
N GLN B 16 6.99 -9.40 -16.13
CA GLN B 16 6.10 -10.23 -16.93
C GLN B 16 5.29 -11.17 -16.04
N PHE B 17 5.81 -11.47 -14.86
CA PHE B 17 5.07 -12.32 -13.95
C PHE B 17 3.86 -11.51 -13.49
N LEU B 18 4.10 -10.26 -13.11
CA LEU B 18 3.04 -9.37 -12.65
C LEU B 18 1.94 -9.20 -13.69
N GLN B 19 2.34 -9.18 -14.95
CA GLN B 19 1.38 -9.02 -16.04
C GLN B 19 0.64 -10.32 -16.37
N ARG B 20 1.38 -11.42 -16.44
CA ARG B 20 0.80 -12.71 -16.79
C ARG B 20 0.06 -13.45 -15.68
N VAL B 21 0.53 -13.29 -14.45
CA VAL B 21 -0.08 -13.97 -13.31
C VAL B 21 -0.87 -13.06 -12.37
N VAL B 22 -0.20 -12.05 -11.84
CA VAL B 22 -0.84 -11.16 -10.90
C VAL B 22 -2.01 -10.38 -11.50
N LEU B 23 -1.73 -9.47 -12.41
CA LEU B 23 -2.78 -8.69 -13.04
C LEU B 23 -3.95 -9.57 -13.47
N LYS B 24 -3.64 -10.64 -14.20
CA LYS B 24 -4.67 -11.56 -14.69
C LYS B 24 -5.55 -12.07 -13.55
N ALA B 25 -4.92 -12.55 -12.49
CA ALA B 25 -5.65 -13.09 -11.35
C ALA B 25 -6.59 -12.07 -10.70
N LEU B 26 -6.16 -10.81 -10.59
CA LEU B 26 -7.01 -9.81 -9.99
C LEU B 26 -8.13 -9.39 -10.92
N TRP B 27 -7.83 -9.36 -12.22
CA TRP B 27 -8.84 -8.97 -13.19
C TRP B 27 -9.99 -9.96 -13.29
N LYS B 28 -9.67 -11.25 -13.15
CA LYS B 28 -10.70 -12.28 -13.24
C LYS B 28 -11.46 -12.50 -11.95
N HIS B 29 -10.98 -11.89 -10.87
CA HIS B 29 -11.63 -12.03 -9.57
C HIS B 29 -13.00 -11.33 -9.58
N GLY B 30 -13.98 -11.95 -8.93
CA GLY B 30 -15.33 -11.41 -8.88
C GLY B 30 -15.53 -10.02 -8.28
N PHE B 31 -14.64 -9.61 -7.37
CA PHE B 31 -14.75 -8.30 -6.75
C PHE B 31 -13.96 -7.21 -7.44
N SER B 32 -13.50 -7.44 -8.67
CA SER B 32 -12.69 -6.46 -9.36
C SER B 32 -13.37 -5.44 -10.27
N TRP B 33 -14.64 -5.63 -10.59
CA TRP B 33 -15.29 -4.68 -11.49
C TRP B 33 -15.26 -3.20 -11.05
N PRO B 34 -15.19 -2.92 -9.74
CA PRO B 34 -15.16 -1.50 -9.35
C PRO B 34 -13.77 -0.88 -9.52
N PHE B 35 -12.79 -1.72 -9.87
CA PHE B 35 -11.40 -1.28 -10.03
C PHE B 35 -10.88 -1.42 -11.46
N GLN B 36 -11.72 -1.92 -12.36
CA GLN B 36 -11.35 -2.12 -13.75
C GLN B 36 -11.23 -0.83 -14.57
N GLN B 37 -11.58 0.28 -13.95
CA GLN B 37 -11.52 1.56 -14.64
C GLN B 37 -11.32 2.64 -13.59
N PRO B 38 -10.91 3.84 -14.01
CA PRO B 38 -10.72 4.92 -13.05
C PRO B 38 -12.03 5.23 -12.36
N VAL B 39 -11.95 5.72 -11.13
CA VAL B 39 -13.14 6.09 -10.37
C VAL B 39 -13.75 7.35 -11.01
N ASP B 40 -15.06 7.36 -11.24
CA ASP B 40 -15.69 8.54 -11.81
C ASP B 40 -16.43 9.26 -10.68
N ALA B 41 -15.82 10.33 -10.19
CA ALA B 41 -16.39 11.11 -9.10
C ALA B 41 -17.71 11.77 -9.47
N VAL B 42 -17.92 12.01 -10.76
CA VAL B 42 -19.16 12.63 -11.24
C VAL B 42 -20.35 11.68 -11.18
N LYS B 43 -20.29 10.60 -11.98
CA LYS B 43 -21.39 9.65 -11.99
C LYS B 43 -21.60 9.01 -10.61
N LEU B 44 -20.55 9.02 -9.79
CA LEU B 44 -20.66 8.45 -8.45
C LEU B 44 -20.97 9.54 -7.41
N LYS B 45 -21.06 10.78 -7.87
CA LYS B 45 -21.36 11.93 -7.01
C LYS B 45 -20.39 12.09 -5.84
N LEU B 46 -19.09 11.98 -6.11
CA LEU B 46 -18.08 12.14 -5.06
C LEU B 46 -17.30 13.44 -5.33
N PRO B 47 -17.89 14.58 -4.97
CA PRO B 47 -17.26 15.88 -5.19
C PRO B 47 -15.89 16.09 -4.53
N ASP B 48 -15.61 15.34 -3.47
CA ASP B 48 -14.34 15.51 -2.78
C ASP B 48 -13.27 14.47 -3.11
N TYR B 49 -13.56 13.59 -4.06
CA TYR B 49 -12.62 12.51 -4.39
C TYR B 49 -11.21 12.92 -4.80
N TYR B 50 -11.08 13.84 -5.74
CA TYR B 50 -9.77 14.27 -6.20
C TYR B 50 -9.02 15.16 -5.21
N THR B 51 -9.75 15.72 -4.26
CA THR B 51 -9.15 16.55 -3.23
C THR B 51 -8.44 15.62 -2.24
N ILE B 52 -9.04 14.46 -2.03
CA ILE B 52 -8.49 13.47 -1.11
C ILE B 52 -7.46 12.51 -1.75
N ILE B 53 -7.69 12.12 -3.00
CA ILE B 53 -6.81 11.19 -3.71
C ILE B 53 -6.00 11.95 -4.75
N LYS B 54 -4.69 12.07 -4.53
CA LYS B 54 -3.85 12.82 -5.46
C LYS B 54 -3.39 12.07 -6.67
N THR B 55 -3.27 10.75 -6.57
CA THR B 55 -2.86 9.94 -7.69
C THR B 55 -3.84 8.78 -7.83
N PRO B 56 -4.83 8.92 -8.73
CA PRO B 56 -5.83 7.87 -8.94
C PRO B 56 -5.18 6.68 -9.63
N MET B 57 -5.66 5.47 -9.33
CA MET B 57 -5.10 4.28 -9.95
C MET B 57 -6.14 3.16 -10.08
N ASP B 58 -6.02 2.38 -11.16
CA ASP B 58 -6.93 1.28 -11.43
C ASP B 58 -6.24 0.18 -12.22
N LEU B 59 -6.88 -0.98 -12.31
CA LEU B 59 -6.31 -2.12 -13.02
C LEU B 59 -6.10 -1.92 -14.51
N ASN B 60 -6.95 -1.12 -15.14
CA ASN B 60 -6.79 -0.89 -16.57
C ASN B 60 -5.58 -0.03 -16.85
N THR B 61 -5.35 0.98 -16.00
CA THR B 61 -4.20 1.85 -16.19
C THR B 61 -2.91 1.06 -16.01
N ILE B 62 -2.94 0.11 -15.08
CA ILE B 62 -1.77 -0.72 -14.84
C ILE B 62 -1.64 -1.66 -16.03
N LYS B 63 -2.79 -2.12 -16.52
CA LYS B 63 -2.82 -3.04 -17.65
C LYS B 63 -2.12 -2.41 -18.84
N LYS B 64 -2.50 -1.17 -19.18
CA LYS B 64 -1.89 -0.49 -20.29
C LYS B 64 -0.42 -0.19 -20.04
N ARG B 65 -0.08 0.14 -18.80
CA ARG B 65 1.31 0.44 -18.49
C ARG B 65 2.22 -0.78 -18.66
N LEU B 66 1.65 -1.96 -18.45
CA LEU B 66 2.42 -3.19 -18.62
C LEU B 66 2.57 -3.48 -20.11
N GLU B 67 1.48 -3.34 -20.86
CA GLU B 67 1.50 -3.59 -22.31
C GLU B 67 2.43 -2.64 -23.05
N ASN B 68 2.42 -1.36 -22.67
CA ASN B 68 3.26 -0.36 -23.31
C ASN B 68 4.66 -0.25 -22.71
N LYS B 69 5.10 -1.28 -22.01
CA LYS B 69 6.44 -1.29 -21.40
C LYS B 69 6.76 0.03 -20.70
N TYR B 70 5.78 0.53 -19.94
CA TYR B 70 5.90 1.78 -19.20
C TYR B 70 6.77 1.65 -17.95
N TYR B 71 6.76 0.47 -17.33
CA TYR B 71 7.55 0.25 -16.12
C TYR B 71 8.95 -0.22 -16.43
N GLU B 72 9.92 0.22 -15.63
CA GLU B 72 11.31 -0.16 -15.80
C GLU B 72 11.64 -1.28 -14.82
N LYS B 73 10.86 -1.38 -13.75
CA LYS B 73 11.08 -2.45 -12.78
C LYS B 73 9.83 -2.79 -11.97
N ALA B 74 9.74 -4.06 -11.58
CA ALA B 74 8.60 -4.59 -10.83
C ALA B 74 8.10 -3.66 -9.71
N SER B 75 9.03 -3.08 -8.96
CA SER B 75 8.66 -2.18 -7.87
C SER B 75 7.69 -1.06 -8.27
N GLU B 76 7.90 -0.45 -9.44
CA GLU B 76 7.03 0.63 -9.92
C GLU B 76 5.61 0.13 -10.13
N CYS B 77 5.50 -1.09 -10.64
CA CYS B 77 4.18 -1.68 -10.89
C CYS B 77 3.51 -2.08 -9.58
N ILE B 78 4.31 -2.61 -8.66
CA ILE B 78 3.77 -3.00 -7.36
C ILE B 78 3.22 -1.79 -6.63
N GLU B 79 3.95 -0.67 -6.71
CA GLU B 79 3.50 0.54 -6.07
C GLU B 79 2.13 0.97 -6.56
N ASP B 80 1.90 0.90 -7.87
CA ASP B 80 0.61 1.27 -8.43
C ASP B 80 -0.52 0.40 -7.88
N PHE B 81 -0.30 -0.90 -7.81
CA PHE B 81 -1.32 -1.82 -7.26
C PHE B 81 -1.65 -1.34 -5.84
N ASN B 82 -0.61 -1.03 -5.08
CA ASN B 82 -0.76 -0.56 -3.71
C ASN B 82 -1.45 0.80 -3.58
N THR B 83 -1.22 1.67 -4.56
CA THR B 83 -1.86 2.98 -4.52
C THR B 83 -3.35 2.80 -4.73
N MET B 84 -3.70 1.85 -5.59
CA MET B 84 -5.09 1.56 -5.87
C MET B 84 -5.80 1.09 -4.60
N PHE B 85 -5.17 0.21 -3.82
CA PHE B 85 -5.78 -0.27 -2.59
C PHE B 85 -5.80 0.87 -1.58
N SER B 86 -4.65 1.51 -1.39
CA SER B 86 -4.54 2.62 -0.45
C SER B 86 -5.56 3.71 -0.71
N ASN B 87 -5.75 4.08 -1.97
CA ASN B 87 -6.72 5.13 -2.29
C ASN B 87 -8.11 4.73 -1.84
N CYS B 88 -8.43 3.44 -1.94
CA CYS B 88 -9.75 2.96 -1.56
C CYS B 88 -9.90 3.00 -0.04
N TYR B 89 -8.82 2.66 0.67
CA TYR B 89 -8.87 2.67 2.13
C TYR B 89 -8.90 4.09 2.68
N LEU B 90 -8.18 5.00 2.04
CA LEU B 90 -8.14 6.38 2.50
C LEU B 90 -9.48 7.07 2.29
N TYR B 91 -10.04 6.94 1.09
CA TYR B 91 -11.30 7.59 0.78
C TYR B 91 -12.57 7.01 1.43
N ASN B 92 -12.73 5.69 1.36
CA ASN B 92 -13.90 5.04 1.92
C ASN B 92 -13.75 4.67 3.39
N LYS B 93 -14.86 4.37 4.04
CA LYS B 93 -14.85 4.01 5.47
C LYS B 93 -14.77 2.51 5.66
N THR B 94 -14.20 2.10 6.79
CA THR B 94 -14.08 0.69 7.13
C THR B 94 -15.48 0.08 7.16
N GLY B 95 -15.62 -1.11 6.60
CA GLY B 95 -16.94 -1.74 6.60
C GLY B 95 -17.67 -1.59 5.29
N ASP B 96 -17.39 -0.50 4.57
CA ASP B 96 -18.03 -0.28 3.27
C ASP B 96 -17.74 -1.48 2.38
N ASP B 97 -18.67 -1.78 1.47
CA ASP B 97 -18.50 -2.89 0.56
C ASP B 97 -17.25 -2.77 -0.30
N ILE B 98 -17.02 -1.57 -0.86
CA ILE B 98 -15.86 -1.34 -1.70
C ILE B 98 -14.56 -1.71 -0.98
N VAL B 99 -14.53 -1.48 0.33
CA VAL B 99 -13.36 -1.79 1.14
C VAL B 99 -13.19 -3.30 1.31
N VAL B 100 -14.29 -4.00 1.57
CA VAL B 100 -14.22 -5.44 1.74
C VAL B 100 -13.72 -6.05 0.44
N MET B 101 -14.15 -5.47 -0.68
CA MET B 101 -13.74 -5.94 -1.99
C MET B 101 -12.23 -5.70 -2.22
N ALA B 102 -11.77 -4.51 -1.85
CA ALA B 102 -10.37 -4.16 -2.01
C ALA B 102 -9.51 -5.03 -1.09
N GLN B 103 -10.00 -5.33 0.09
CA GLN B 103 -9.25 -6.17 1.01
C GLN B 103 -9.11 -7.59 0.46
N ALA B 104 -10.14 -8.07 -0.23
CA ALA B 104 -10.09 -9.40 -0.81
C ALA B 104 -9.13 -9.43 -2.00
N LEU B 105 -9.18 -8.39 -2.83
CA LEU B 105 -8.29 -8.31 -3.98
C LEU B 105 -6.84 -8.25 -3.52
N GLU B 106 -6.57 -7.42 -2.50
CA GLU B 106 -5.21 -7.29 -2.00
C GLU B 106 -4.69 -8.62 -1.45
N LYS B 107 -5.57 -9.36 -0.78
CA LYS B 107 -5.16 -10.64 -0.23
C LYS B 107 -4.67 -11.52 -1.38
N LEU B 108 -5.46 -11.60 -2.44
CA LEU B 108 -5.08 -12.40 -3.60
C LEU B 108 -3.77 -11.85 -4.16
N PHE B 109 -3.68 -10.52 -4.25
CA PHE B 109 -2.49 -9.86 -4.76
C PHE B 109 -1.23 -10.30 -4.02
N MET B 110 -1.29 -10.26 -2.70
CA MET B 110 -0.15 -10.65 -1.89
C MET B 110 0.17 -12.13 -2.09
N GLN B 111 -0.86 -12.97 -2.18
CA GLN B 111 -0.63 -14.41 -2.37
C GLN B 111 0.17 -14.63 -3.64
N LYS B 112 -0.30 -14.04 -4.73
CA LYS B 112 0.35 -14.18 -6.02
C LYS B 112 1.76 -13.58 -6.03
N LEU B 113 1.91 -12.43 -5.39
CA LEU B 113 3.20 -11.76 -5.35
C LEU B 113 4.28 -12.60 -4.68
N SER B 114 3.88 -13.39 -3.67
CA SER B 114 4.83 -14.23 -2.95
C SER B 114 5.42 -15.36 -3.80
N GLN B 115 4.84 -15.61 -4.96
CA GLN B 115 5.33 -16.66 -5.82
C GLN B 115 6.10 -16.10 -7.01
N MET B 116 6.34 -14.79 -6.98
CA MET B 116 7.08 -14.13 -8.04
C MET B 116 8.54 -14.54 -7.92
N PRO B 117 9.23 -14.76 -9.05
CA PRO B 117 10.65 -15.15 -8.98
C PRO B 117 11.47 -14.02 -8.35
N GLN B 118 12.42 -14.36 -7.49
CA GLN B 118 13.21 -13.33 -6.86
C GLN B 118 14.11 -12.50 -7.79
N GLU B 119 14.59 -11.38 -7.27
CA GLU B 119 15.43 -10.44 -8.00
C GLU B 119 16.71 -11.03 -8.58
N GLU B 120 17.53 -11.62 -7.73
CA GLU B 120 18.80 -12.19 -8.17
C GLU B 120 18.91 -13.66 -7.83
N GLY C 4 -9.99 8.57 16.23
CA GLY C 4 -8.74 9.27 15.81
C GLY C 4 -7.66 9.30 16.87
OH ALY C 5 -2.15 4.89 12.86
CH ALY C 5 -1.29 4.91 13.72
CH3 ALY C 5 0.14 4.50 13.41
NZ ALY C 5 -1.53 5.29 14.97
CE ALY C 5 -2.83 5.73 15.46
CD ALY C 5 -2.85 7.21 15.71
CG ALY C 5 -4.14 7.66 16.35
CB ALY C 5 -4.06 9.14 16.71
CA ALY C 5 -5.32 9.70 17.38
N ALY C 5 -6.45 9.63 16.46
C ALY C 5 -5.04 11.10 17.87
O ALY C 5 -4.11 11.32 18.66
N GLY C 6 -5.82 12.07 17.41
CA GLY C 6 -5.59 13.44 17.83
C GLY C 6 -4.46 14.13 17.07
N GLY C 7 -4.12 15.34 17.49
CA GLY C 7 -3.07 16.09 16.83
C GLY C 7 -1.67 15.56 17.08
OH ALY C 8 0.61 8.48 16.63
CH ALY C 8 0.30 9.08 17.65
CH3 ALY C 8 0.48 8.42 19.01
NZ ALY C 8 -0.18 10.31 17.66
CE ALY C 8 -0.42 11.10 16.45
CD ALY C 8 0.45 12.34 16.42
CG ALY C 8 0.18 13.17 15.18
CB ALY C 8 1.00 14.45 15.18
CA ALY C 8 0.65 15.45 16.31
N ALY C 8 -0.73 15.89 16.19
C ALY C 8 1.60 16.64 16.22
O ALY C 8 2.80 16.48 15.97
N GLY C 9 1.05 17.83 16.43
CA GLY C 9 1.88 19.01 16.40
C GLY C 9 2.04 19.64 15.04
N LEU C 10 1.40 19.10 14.01
CA LEU C 10 1.53 19.72 12.70
C LEU C 10 0.92 21.10 12.84
N GLY C 11 1.47 22.06 12.11
CA GLY C 11 0.96 23.43 12.24
C GLY C 11 1.44 23.90 13.59
N LYS C 12 2.38 23.13 14.13
CA LYS C 12 3.03 23.35 15.44
C LYS C 12 2.13 23.91 16.53
N GLY C 13 2.71 24.34 17.55
N GLY D 2 -20.21 14.23 -1.13
CA GLY D 2 -20.35 12.74 -1.19
C GLY D 2 -19.41 12.03 -0.24
N ARG D 3 -19.78 10.82 0.16
CA ARG D 3 -18.98 10.03 1.09
C ARG D 3 -18.76 8.59 0.67
N GLY D 4 -19.79 7.77 0.83
CA GLY D 4 -19.68 6.37 0.45
C GLY D 4 -20.10 6.09 -0.98
OH ALY D 5 -12.99 3.66 -3.99
CH ALY D 5 -13.38 3.33 -5.12
CH3 ALY D 5 -12.54 2.44 -5.99
NZ ALY D 5 -14.53 3.74 -5.62
CE ALY D 5 -15.48 4.59 -4.92
CD ALY D 5 -16.61 3.75 -4.32
CG ALY D 5 -17.71 4.59 -3.71
CB ALY D 5 -18.93 3.73 -3.43
CA ALY D 5 -20.10 4.49 -2.81
N ALY D 5 -19.76 4.90 -1.45
C ALY D 5 -21.35 3.62 -2.83
O ALY D 5 -21.84 3.25 -3.89
N GLY D 6 -21.87 3.29 -1.65
CA GLY D 6 -23.07 2.46 -1.58
C GLY D 6 -22.80 0.98 -1.65
N GLY D 7 -23.89 0.20 -1.74
CA GLY D 7 -23.78 -1.25 -1.80
C GLY D 7 -23.23 -1.80 -3.11
OH ALY D 8 -17.37 1.00 -7.01
CH ALY D 8 -18.55 1.26 -7.22
CH3 ALY D 8 -18.97 2.04 -8.44
NZ ALY D 8 -19.55 0.89 -6.42
CE ALY D 8 -19.38 0.12 -5.19
CD ALY D 8 -20.07 -1.24 -5.31
CG ALY D 8 -20.04 -2.01 -4.02
CB ALY D 8 -20.53 -3.43 -4.20
CA ALY D 8 -22.05 -3.63 -4.22
N ALY D 8 -22.65 -2.98 -3.05
C ALY D 8 -22.32 -5.15 -4.23
O ALY D 8 -22.02 -5.82 -5.20
N GLY D 9 -22.86 -5.67 -3.13
CA GLY D 9 -23.11 -7.10 -3.02
C GLY D 9 -24.15 -7.78 -3.90
N LEU D 10 -24.63 -7.11 -4.94
CA LEU D 10 -25.63 -7.72 -5.81
C LEU D 10 -25.25 -7.87 -7.27
N GLY D 11 -23.95 -7.81 -7.54
CA GLY D 11 -23.46 -7.96 -8.91
C GLY D 11 -23.23 -6.67 -9.67
N LYS D 12 -23.28 -6.76 -11.01
CA LYS D 12 -23.06 -5.62 -11.90
C LYS D 12 -21.57 -5.38 -12.09
N GLY D 13 -21.22 -4.38 -12.76
#